data_2V8W
#
_entry.id   2V8W
#
_cell.length_a   37.993
_cell.length_b   99.610
_cell.length_c   135.331
_cell.angle_alpha   90.00
_cell.angle_beta   90.00
_cell.angle_gamma   90.00
#
_symmetry.space_group_name_H-M   'P 21 21 21'
#
loop_
_entity.id
_entity.type
_entity.pdbx_description
1 polymer 'EUKARYOTIC TRANSLATION INITIATION FACTOR 4E'
2 polymer 'EUKARYOTIC TRANSLATION INITIATION FACTOR 4E-BINDING PROTEIN 1'
3 non-polymer '[[(2R,3S,4R,5R)-5-(6-AMINO-3-METHYL-4-OXO-5H-IMIDAZO[4,5-C]PYRIDIN-1-YL)-3,4-DIHYDROXY-OXOLAN-2-YL]METHOXY-HYDROXY-PHOSPHORYL] PHOSPHONO HYDROGEN PHOSPHATE'
4 water water
#
loop_
_entity_poly.entity_id
_entity_poly.type
_entity_poly.pdbx_seq_one_letter_code
_entity_poly.pdbx_strand_id
1 'polypeptide(L)'
;MATVEPETTPTPNPPTTEEEKTESNQEVANPEHYIKHPLQNRWALWFFKNDKSKTWQANLRLISKFDTVEDFWALYNHIQ
LSSNLMPGCDYSLFKDGIEPMWEDEKNKRGGRWLITLNKQQRRSDLDRFWLETLLCLIGESFDDYSDDVCGAVVNVRAKG
DKIAIWTTECENREAVTHIGRVYKERLGLPPKIVIGYQSHADTATKSGSTTKNRFVV
;
A,E
2 'polypeptide(L)' RIIYDRKFLMECRN B,F
#
loop_
_chem_comp.id
_chem_comp.type
_chem_comp.name
_chem_comp.formula
MGO non-polymer '[[(2R,3S,4R,5R)-5-(6-AMINO-3-METHYL-4-OXO-5H-IMIDAZO[4,5-C]PYRIDIN-1-YL)-3,4-DIHYDROXY-OXOLAN-2-YL]METHOXY-HYDROXY-PHOSPHORYL] PHOSPHONO HYDROGEN PHOSPHATE' 'C12 H20 N4 O14 P3 1'
#
# COMPACT_ATOMS: atom_id res chain seq x y z
N GLU A 32 -31.16 19.11 15.28
CA GLU A 32 -30.98 18.47 13.95
C GLU A 32 -31.67 19.18 12.78
N HIS A 33 -32.71 19.96 13.06
CA HIS A 33 -33.14 20.90 12.04
C HIS A 33 -32.38 22.20 12.18
N TYR A 34 -31.56 22.31 13.22
CA TYR A 34 -30.98 23.60 13.61
C TYR A 34 -29.52 23.52 14.13
N ILE A 35 -29.03 22.32 14.37
CA ILE A 35 -27.68 22.12 14.89
C ILE A 35 -26.72 21.88 13.75
N LYS A 36 -25.58 22.56 13.79
CA LYS A 36 -24.56 22.40 12.76
C LYS A 36 -23.97 21.00 12.87
N HIS A 37 -23.38 20.48 11.78
CA HIS A 37 -22.87 19.10 11.80
C HIS A 37 -21.45 19.19 12.34
N PRO A 38 -21.20 18.61 13.53
CA PRO A 38 -19.87 18.80 14.16
C PRO A 38 -18.80 17.94 13.49
N LEU A 39 -17.58 18.42 13.45
CA LEU A 39 -16.48 17.59 12.96
C LEU A 39 -15.78 16.91 14.13
N GLN A 40 -15.13 15.78 13.85
CA GLN A 40 -14.32 15.10 14.83
C GLN A 40 -13.26 16.05 15.39
N ASN A 41 -12.72 16.89 14.51
CA ASN A 41 -11.68 17.86 14.90
C ASN A 41 -11.99 19.30 14.53
N ARG A 42 -11.39 20.23 15.26
CA ARG A 42 -11.32 21.62 14.83
C ARG A 42 -10.07 21.74 13.92
N TRP A 43 -10.21 22.46 12.82
CA TRP A 43 -9.19 22.54 11.81
C TRP A 43 -8.87 23.99 11.61
N ALA A 44 -7.63 24.27 11.22
CA ALA A 44 -7.21 25.65 10.96
C ALA A 44 -6.67 25.70 9.57
N LEU A 45 -7.09 26.70 8.79
CA LEU A 45 -6.58 26.90 7.46
C LEU A 45 -5.56 28.02 7.49
N TRP A 46 -4.39 27.74 6.90
CA TRP A 46 -3.23 28.64 6.91
C TRP A 46 -2.94 29.01 5.50
N PHE A 47 -2.38 30.21 5.33
CA PHE A 47 -1.96 30.68 4.02
C PHE A 47 -0.49 31.05 4.10
N PHE A 48 0.27 30.67 3.08
CA PHE A 48 1.66 31.10 2.96
C PHE A 48 1.89 31.94 1.70
N LYS A 49 2.43 33.15 1.84
CA LYS A 49 2.91 33.88 0.67
C LYS A 49 4.35 34.22 0.89
N ASN A 50 5.19 33.87 -0.09
CA ASN A 50 6.63 34.06 0.01
C ASN A 50 7.02 35.54 0.04
N ASP A 51 7.84 35.89 1.03
CA ASP A 51 8.37 37.24 1.20
C ASP A 51 9.75 36.94 1.70
N LYS A 52 10.74 37.20 0.85
CA LYS A 52 12.12 36.77 1.08
C LYS A 52 12.80 37.59 2.13
N SER A 53 12.13 38.66 2.57
CA SER A 53 12.63 39.50 3.63
C SER A 53 12.19 39.02 5.02
N LYS A 54 11.32 38.01 5.07
CA LYS A 54 10.84 37.47 6.32
C LYS A 54 11.31 36.02 6.52
N THR A 55 11.30 35.52 7.75
CA THR A 55 11.60 34.10 7.99
C THR A 55 10.45 33.25 7.43
N TRP A 56 10.74 32.01 7.06
CA TRP A 56 9.72 31.17 6.45
C TRP A 56 8.43 31.16 7.29
N GLN A 57 8.57 30.91 8.58
CA GLN A 57 7.49 30.89 9.53
C GLN A 57 6.63 32.14 9.57
N ALA A 58 7.27 33.30 9.46
CA ALA A 58 6.56 34.59 9.54
C ALA A 58 5.62 34.83 8.36
N ASN A 59 5.85 34.13 7.25
CA ASN A 59 5.06 34.24 6.03
C ASN A 59 3.80 33.35 6.12
N LEU A 60 3.67 32.67 7.24
CA LEU A 60 2.60 31.73 7.47
C LEU A 60 1.53 32.41 8.26
N ARG A 61 0.38 32.67 7.63
CA ARG A 61 -0.73 33.40 8.27
C ARG A 61 -1.97 32.52 8.47
N LEU A 62 -2.50 32.49 9.69
CA LEU A 62 -3.78 31.81 9.97
C LEU A 62 -4.93 32.50 9.26
N ILE A 63 -5.61 31.79 8.37
CA ILE A 63 -6.82 32.36 7.77
C ILE A 63 -7.95 32.22 8.78
N SER A 64 -8.28 30.98 9.17
CA SER A 64 -9.46 30.75 9.93
C SER A 64 -9.51 29.36 10.52
N LYS A 65 -10.28 29.19 11.60
CA LYS A 65 -10.58 27.88 12.15
C LYS A 65 -12.07 27.50 12.02
N PHE A 66 -12.35 26.20 11.98
CA PHE A 66 -13.75 25.75 11.84
C PHE A 66 -13.86 24.37 12.47
N ASP A 67 -15.04 23.99 12.91
CA ASP A 67 -15.23 22.69 13.46
C ASP A 67 -16.56 22.07 13.09
N THR A 68 -17.16 22.57 12.00
CA THR A 68 -18.40 21.99 11.48
C THR A 68 -18.29 21.94 9.98
N VAL A 69 -19.09 21.08 9.38
CA VAL A 69 -19.19 20.88 7.94
C VAL A 69 -19.63 22.20 7.31
N GLU A 70 -20.67 22.81 7.88
CA GLU A 70 -21.24 24.08 7.39
C GLU A 70 -20.20 25.19 7.40
N ASP A 71 -19.43 25.24 8.50
CA ASP A 71 -18.38 26.26 8.66
C ASP A 71 -17.23 25.99 7.73
N PHE A 72 -16.95 24.73 7.41
CA PHE A 72 -15.93 24.41 6.39
C PHE A 72 -16.28 24.97 5.04
N TRP A 73 -17.52 24.75 4.60
CA TRP A 73 -17.94 25.16 3.24
C TRP A 73 -18.02 26.66 3.13
N ALA A 74 -18.48 27.29 4.22
CA ALA A 74 -18.47 28.75 4.31
C ALA A 74 -17.06 29.32 4.06
N LEU A 75 -16.03 28.73 4.65
CA LEU A 75 -14.69 29.22 4.42
C LEU A 75 -14.18 28.85 3.00
N TYR A 76 -14.32 27.60 2.63
CA TYR A 76 -13.87 27.19 1.32
C TYR A 76 -14.52 27.96 0.15
N ASN A 77 -15.84 28.24 0.27
CA ASN A 77 -16.56 28.89 -0.79
C ASN A 77 -16.08 30.35 -0.98
N HIS A 78 -15.47 30.96 0.02
CA HIS A 78 -15.11 32.37 -0.09
C HIS A 78 -13.64 32.61 -0.42
N ILE A 79 -12.83 31.55 -0.49
CA ILE A 79 -11.37 31.67 -0.71
C ILE A 79 -11.01 31.20 -2.10
N GLN A 80 -9.94 31.73 -2.67
CA GLN A 80 -9.42 31.29 -3.96
C GLN A 80 -9.12 29.80 -4.10
N LEU A 81 -9.44 29.30 -5.29
CA LEU A 81 -9.00 27.98 -5.71
C LEU A 81 -7.47 28.02 -5.76
N SER A 82 -6.83 26.94 -5.36
CA SER A 82 -5.37 26.85 -5.43
C SER A 82 -4.85 27.12 -6.83
N SER A 83 -5.58 26.69 -7.84
CA SER A 83 -5.16 26.88 -9.24
C SER A 83 -5.05 28.35 -9.57
N ASN A 84 -5.66 29.19 -8.73
CA ASN A 84 -5.63 30.63 -8.89
C ASN A 84 -4.68 31.44 -8.05
N LEU A 85 -3.90 30.79 -7.20
CA LEU A 85 -3.01 31.51 -6.32
C LEU A 85 -1.76 31.91 -7.09
N MET A 86 -1.12 32.99 -6.67
CA MET A 86 0.20 33.35 -7.21
C MET A 86 1.17 32.21 -6.92
N PRO A 87 2.08 31.90 -7.87
CA PRO A 87 3.10 30.87 -7.58
C PRO A 87 3.95 31.26 -6.36
N GLY A 88 4.34 30.30 -5.53
CA GLY A 88 5.02 30.61 -4.28
C GLY A 88 4.09 30.63 -3.08
N CYS A 89 2.77 30.54 -3.30
CA CYS A 89 1.78 30.41 -2.21
C CYS A 89 1.41 28.96 -1.86
N ASP A 90 0.99 28.76 -0.60
CA ASP A 90 0.46 27.49 -0.12
C ASP A 90 -0.88 27.73 0.59
N TYR A 91 -1.70 26.68 0.64
CA TYR A 91 -2.66 26.54 1.69
C TYR A 91 -2.24 25.36 2.59
N SER A 92 -2.45 25.47 3.88
CA SER A 92 -2.31 24.29 4.74
C SER A 92 -3.55 24.14 5.57
N LEU A 93 -4.03 22.93 5.68
CA LEU A 93 -5.08 22.65 6.63
C LEU A 93 -4.57 21.68 7.70
N PHE A 94 -4.50 22.15 8.95
CA PHE A 94 -4.00 21.37 10.05
C PHE A 94 -4.96 21.32 11.25
N LYS A 95 -4.97 20.19 11.97
CA LYS A 95 -5.66 20.16 13.24
C LYS A 95 -5.25 21.33 14.12
N ASP A 96 -6.24 21.98 14.72
CA ASP A 96 -6.03 23.10 15.66
C ASP A 96 -5.00 22.61 16.69
N GLY A 97 -4.04 23.48 17.01
CA GLY A 97 -2.94 23.15 17.88
C GLY A 97 -1.69 22.59 17.20
N ILE A 98 -1.82 22.20 15.93
CA ILE A 98 -0.68 21.72 15.15
C ILE A 98 -0.36 22.78 14.10
N GLU A 99 0.80 23.37 14.28
CA GLU A 99 1.32 24.35 13.37
C GLU A 99 1.74 23.65 12.07
N PRO A 100 1.49 24.28 10.92
CA PRO A 100 1.77 23.60 9.68
C PRO A 100 3.25 23.64 9.29
N MET A 101 4.10 23.15 10.19
CA MET A 101 5.56 23.21 9.99
C MET A 101 6.28 22.03 10.66
N TRP A 102 7.42 21.61 10.09
CA TRP A 102 8.25 20.49 10.59
C TRP A 102 8.50 20.52 12.09
N GLU A 103 8.73 21.73 12.61
CA GLU A 103 9.10 22.00 13.99
C GLU A 103 8.09 21.58 15.02
N ASP A 104 6.82 21.56 14.68
CA ASP A 104 5.80 21.24 15.66
C ASP A 104 6.07 19.85 16.24
N GLU A 105 5.81 19.65 17.54
CA GLU A 105 5.91 18.33 18.19
C GLU A 105 5.26 17.21 17.40
N LYS A 106 4.07 17.49 16.85
CA LYS A 106 3.27 16.47 16.12
C LYS A 106 3.82 16.17 14.73
N ASN A 107 4.69 17.05 14.25
CA ASN A 107 5.23 16.91 12.94
C ASN A 107 6.68 16.41 12.91
N LYS A 108 7.46 16.68 13.95
CA LYS A 108 8.91 16.53 13.79
C LYS A 108 9.42 15.09 13.58
N ARG A 109 8.67 14.10 14.07
CA ARG A 109 8.96 12.67 13.79
C ARG A 109 8.16 12.15 12.61
N GLY A 110 7.45 13.05 11.91
CA GLY A 110 6.50 12.65 10.90
C GLY A 110 7.02 12.71 9.49
N GLY A 111 6.09 12.72 8.54
CA GLY A 111 6.42 12.77 7.13
C GLY A 111 5.16 13.04 6.33
N ARG A 112 5.26 12.89 5.02
CA ARG A 112 4.22 13.36 4.15
C ARG A 112 4.06 12.36 3.00
N TRP A 113 2.82 12.02 2.68
CA TRP A 113 2.45 11.49 1.37
C TRP A 113 2.42 12.64 0.37
N LEU A 114 3.22 12.56 -0.69
CA LEU A 114 3.38 13.63 -1.68
C LEU A 114 2.83 13.28 -3.08
N ILE A 115 1.97 14.14 -3.60
CA ILE A 115 1.46 14.10 -4.97
C ILE A 115 2.14 15.26 -5.69
N THR A 116 2.88 14.93 -6.74
CA THR A 116 3.53 15.91 -7.59
C THR A 116 2.68 16.10 -8.84
N LEU A 117 2.41 17.32 -9.21
CA LEU A 117 1.54 17.59 -10.33
C LEU A 117 2.41 18.27 -11.36
N ASN A 118 2.19 17.98 -12.65
CA ASN A 118 2.80 18.82 -13.68
C ASN A 118 1.89 20.00 -14.01
N LYS A 119 2.34 20.83 -14.94
CA LYS A 119 1.63 22.04 -15.29
C LYS A 119 0.23 21.80 -15.93
N GLN A 120 0.07 20.69 -16.66
CA GLN A 120 -1.24 20.30 -17.17
C GLN A 120 -2.23 19.96 -16.07
N GLN A 121 -1.72 19.42 -14.97
CA GLN A 121 -2.56 19.00 -13.88
C GLN A 121 -3.07 20.15 -13.03
N ARG A 122 -2.44 21.32 -13.14
CA ARG A 122 -2.98 22.51 -12.49
C ARG A 122 -4.41 22.74 -12.95
N ARG A 123 -4.63 22.58 -14.26
CA ARG A 123 -5.91 22.70 -14.86
C ARG A 123 -6.80 21.53 -14.51
N SER A 124 -6.31 20.33 -14.70
CA SER A 124 -7.22 19.19 -14.67
C SER A 124 -7.49 18.65 -13.26
N ASP A 125 -6.51 18.79 -12.34
CA ASP A 125 -6.46 17.96 -11.13
C ASP A 125 -6.22 18.68 -9.82
N LEU A 126 -5.46 19.78 -9.83
CA LEU A 126 -5.12 20.48 -8.59
C LEU A 126 -6.31 20.80 -7.63
N ASP A 127 -7.31 21.54 -8.09
CA ASP A 127 -8.41 21.93 -7.19
C ASP A 127 -9.28 20.77 -6.82
N ARG A 128 -9.46 19.84 -7.74
CA ARG A 128 -10.22 18.63 -7.47
C ARG A 128 -9.49 17.79 -6.41
N PHE A 129 -8.18 17.59 -6.58
CA PHE A 129 -7.35 16.84 -5.63
C PHE A 129 -7.26 17.50 -4.31
N TRP A 130 -7.11 18.82 -4.30
CA TRP A 130 -7.06 19.54 -3.02
C TRP A 130 -8.38 19.45 -2.24
N LEU A 131 -9.51 19.62 -2.90
CA LEU A 131 -10.77 19.49 -2.20
C LEU A 131 -10.96 18.07 -1.69
N GLU A 132 -10.62 17.07 -2.50
CA GLU A 132 -10.71 15.69 -2.03
C GLU A 132 -9.85 15.45 -0.79
N THR A 133 -8.67 16.02 -0.78
CA THR A 133 -7.77 15.89 0.36
C THR A 133 -8.40 16.52 1.62
N LEU A 134 -9.01 17.71 1.46
CA LEU A 134 -9.76 18.42 2.56
C LEU A 134 -10.87 17.58 3.14
N LEU A 135 -11.59 16.91 2.24
CA LEU A 135 -12.72 16.11 2.62
C LEU A 135 -12.27 14.85 3.30
N CYS A 136 -11.14 14.27 2.87
CA CYS A 136 -10.51 13.14 3.59
C CYS A 136 -10.10 13.44 4.99
N LEU A 137 -9.52 14.63 5.20
CA LEU A 137 -9.22 15.11 6.54
C LEU A 137 -10.45 15.43 7.40
N ILE A 138 -11.30 16.35 6.99
CA ILE A 138 -12.43 16.74 7.86
C ILE A 138 -13.42 15.55 8.12
N GLY A 139 -13.58 14.67 7.14
CA GLY A 139 -14.43 13.48 7.30
C GLY A 139 -13.81 12.29 8.02
N GLU A 140 -12.55 12.42 8.42
CA GLU A 140 -11.84 11.38 9.14
C GLU A 140 -11.91 10.07 8.35
N SER A 141 -11.37 10.10 7.13
CA SER A 141 -11.57 9.01 6.17
C SER A 141 -10.61 7.83 6.30
N PHE A 142 -9.69 7.86 7.25
CA PHE A 142 -8.69 6.80 7.32
C PHE A 142 -8.87 5.91 8.57
N ASP A 143 -10.13 5.67 8.96
CA ASP A 143 -10.47 4.77 10.06
C ASP A 143 -9.73 5.17 11.35
N ASP A 144 -9.06 4.21 11.98
CA ASP A 144 -8.36 4.45 13.23
C ASP A 144 -7.19 5.38 13.05
N TYR A 145 -6.62 5.37 11.85
CA TYR A 145 -5.38 6.07 11.57
C TYR A 145 -5.55 7.51 11.17
N SER A 146 -6.79 7.99 11.22
CA SER A 146 -7.06 9.40 11.01
C SER A 146 -6.46 10.22 12.16
N ASP A 147 -6.35 9.63 13.36
CA ASP A 147 -5.59 10.22 14.45
C ASP A 147 -4.10 10.43 14.15
N ASP A 148 -3.54 9.63 13.24
CA ASP A 148 -2.16 9.85 12.79
C ASP A 148 -2.00 11.05 11.83
N VAL A 149 -3.11 11.55 11.27
CA VAL A 149 -3.08 12.70 10.34
C VAL A 149 -2.84 14.05 11.07
N CYS A 150 -1.88 14.83 10.60
CA CYS A 150 -1.66 16.18 11.12
C CYS A 150 -2.42 17.27 10.34
N GLY A 151 -2.39 17.12 9.02
CA GLY A 151 -3.06 18.04 8.14
C GLY A 151 -2.49 17.81 6.80
N ALA A 152 -2.63 18.80 5.91
CA ALA A 152 -2.26 18.66 4.49
C ALA A 152 -1.82 20.01 3.95
N VAL A 153 -0.99 20.02 2.90
CA VAL A 153 -0.58 21.25 2.32
C VAL A 153 -0.60 21.19 0.80
N VAL A 154 -0.99 22.31 0.20
CA VAL A 154 -0.90 22.47 -1.25
C VAL A 154 0.11 23.61 -1.59
N ASN A 155 1.16 23.27 -2.31
CA ASN A 155 2.17 24.22 -2.75
C ASN A 155 1.86 24.55 -4.20
N VAL A 156 1.65 25.83 -4.50
CA VAL A 156 1.44 26.31 -5.86
C VAL A 156 2.81 26.80 -6.36
N ARG A 157 3.37 26.12 -7.36
CA ARG A 157 4.76 26.40 -7.80
C ARG A 157 4.84 26.37 -9.30
N ALA A 158 5.65 27.27 -9.87
CA ALA A 158 5.77 27.43 -11.32
C ALA A 158 6.33 26.17 -11.96
N LYS A 159 7.22 25.49 -11.24
CA LYS A 159 7.86 24.27 -11.69
C LYS A 159 6.96 23.03 -11.58
N GLY A 160 5.87 23.14 -10.80
CA GLY A 160 4.98 22.01 -10.55
C GLY A 160 4.36 22.03 -9.16
N ASP A 161 3.05 21.88 -9.11
CA ASP A 161 2.32 21.99 -7.85
C ASP A 161 2.44 20.70 -7.05
N LYS A 162 2.31 20.80 -5.74
CA LYS A 162 2.32 19.62 -4.88
C LYS A 162 1.19 19.67 -3.87
N ILE A 163 0.60 18.49 -3.60
CA ILE A 163 -0.34 18.30 -2.52
C ILE A 163 0.24 17.22 -1.63
N ALA A 164 0.22 17.39 -0.31
CA ALA A 164 0.74 16.36 0.61
C ALA A 164 -0.19 16.17 1.77
N ILE A 165 -0.27 14.96 2.30
CA ILE A 165 -0.86 14.72 3.65
C ILE A 165 0.27 14.44 4.67
N TRP A 166 0.28 15.19 5.76
CA TRP A 166 1.32 15.04 6.78
C TRP A 166 0.78 14.16 7.86
N THR A 167 1.58 13.17 8.27
CA THR A 167 1.23 12.25 9.33
C THR A 167 2.27 12.41 10.45
N THR A 168 1.97 11.87 11.63
CA THR A 168 2.65 12.26 12.86
C THR A 168 3.96 11.51 13.14
N GLU A 169 4.10 10.34 12.52
CA GLU A 169 5.18 9.43 12.87
C GLU A 169 5.50 8.55 11.69
N CYS A 170 6.67 8.79 11.09
CA CYS A 170 7.11 8.00 9.93
C CYS A 170 7.45 6.56 10.26
N GLU A 171 7.52 6.22 11.54
CA GLU A 171 7.78 4.84 11.92
C GLU A 171 6.51 3.99 12.04
N ASN A 172 5.32 4.61 12.09
CA ASN A 172 4.07 3.86 12.15
C ASN A 172 3.74 3.30 10.77
N ARG A 173 4.38 2.18 10.45
CA ARG A 173 4.29 1.56 9.14
C ARG A 173 2.84 1.31 8.70
N GLU A 174 2.03 0.78 9.61
CA GLU A 174 0.67 0.43 9.27
C GLU A 174 -0.23 1.66 9.08
N ALA A 175 -0.09 2.62 9.99
CA ALA A 175 -0.76 3.93 9.87
C ALA A 175 -0.40 4.63 8.57
N VAL A 176 0.88 4.82 8.31
CA VAL A 176 1.33 5.58 7.14
C VAL A 176 0.84 4.90 5.87
N THR A 177 0.98 3.59 5.89
CA THR A 177 0.61 2.76 4.78
C THR A 177 -0.90 2.63 4.51
N HIS A 178 -1.70 2.57 5.56
CA HIS A 178 -3.16 2.60 5.37
C HIS A 178 -3.65 3.95 4.82
N ILE A 179 -3.02 5.04 5.26
CA ILE A 179 -3.33 6.38 4.82
C ILE A 179 -3.01 6.57 3.34
N GLY A 180 -1.82 6.15 2.90
CA GLY A 180 -1.41 6.27 1.49
C GLY A 180 -2.35 5.52 0.56
N ARG A 181 -2.67 4.28 0.92
CA ARG A 181 -3.60 3.46 0.23
C ARG A 181 -4.99 4.08 0.06
N VAL A 182 -5.59 4.54 1.17
CA VAL A 182 -6.96 5.08 1.12
C VAL A 182 -6.93 6.41 0.36
N TYR A 183 -5.91 7.21 0.61
CA TYR A 183 -5.78 8.48 -0.05
C TYR A 183 -5.69 8.35 -1.57
N LYS A 184 -4.84 7.41 -2.02
CA LYS A 184 -4.71 7.13 -3.44
C LYS A 184 -6.05 6.74 -4.07
N GLU A 185 -6.79 5.86 -3.39
CA GLU A 185 -8.15 5.48 -3.83
C GLU A 185 -9.03 6.73 -3.97
N ARG A 186 -9.00 7.59 -2.96
CA ARG A 186 -9.78 8.83 -2.89
C ARG A 186 -9.46 9.79 -4.01
N LEU A 187 -8.20 9.90 -4.36
CA LEU A 187 -7.81 10.74 -5.48
C LEU A 187 -8.16 10.09 -6.82
N GLY A 188 -8.45 8.79 -6.82
CA GLY A 188 -8.68 8.06 -8.06
C GLY A 188 -7.47 7.95 -8.97
N LEU A 189 -6.26 8.00 -8.40
CA LEU A 189 -5.04 7.81 -9.21
C LEU A 189 -4.98 6.36 -9.73
N PRO A 190 -4.59 6.18 -11.02
CA PRO A 190 -4.48 4.84 -11.57
C PRO A 190 -3.23 4.13 -11.03
N PRO A 191 -3.19 2.77 -11.05
CA PRO A 191 -2.09 1.93 -10.59
C PRO A 191 -0.71 2.29 -11.19
N LYS A 192 -0.71 2.90 -12.38
CA LYS A 192 0.51 3.39 -13.05
C LYS A 192 1.20 4.50 -12.27
N ILE A 193 0.42 5.38 -11.64
CA ILE A 193 0.97 6.41 -10.79
C ILE A 193 1.39 5.81 -9.45
N VAL A 194 2.57 6.18 -8.98
CA VAL A 194 3.11 5.78 -7.71
C VAL A 194 3.46 7.03 -6.89
N ILE A 195 2.97 7.10 -5.65
CA ILE A 195 3.27 8.23 -4.78
C ILE A 195 4.19 7.84 -3.65
N GLY A 196 5.01 8.77 -3.17
CA GLY A 196 6.01 8.40 -2.15
C GLY A 196 5.72 9.06 -0.83
N TYR A 197 6.21 8.44 0.24
CA TYR A 197 6.11 9.03 1.56
C TYR A 197 7.54 9.38 1.99
N GLN A 198 7.74 10.63 2.38
CA GLN A 198 9.05 11.12 2.80
C GLN A 198 8.97 11.59 4.23
N SER A 199 9.95 11.23 5.03
CA SER A 199 9.98 11.76 6.38
C SER A 199 10.42 13.21 6.31
N HIS A 200 9.93 14.01 7.27
CA HIS A 200 10.30 15.44 7.35
C HIS A 200 11.74 15.61 7.75
N ALA A 201 12.30 14.64 8.49
CA ALA A 201 13.72 14.62 8.88
C ALA A 201 14.60 14.67 7.64
N ASP A 202 14.30 13.76 6.70
CA ASP A 202 14.95 13.72 5.41
C ASP A 202 14.71 14.99 4.59
N THR A 203 13.46 15.46 4.49
CA THR A 203 13.14 16.65 3.70
C THR A 203 13.93 17.87 4.20
N ALA A 204 14.07 17.99 5.51
CA ALA A 204 14.73 19.16 6.12
C ALA A 204 16.27 19.12 5.98
N THR A 205 16.80 17.96 5.58
CA THR A 205 18.24 17.77 5.34
C THR A 205 18.55 17.87 3.87
N THR A 211 15.30 13.77 -1.83
CA THR A 211 14.74 13.05 -0.68
C THR A 211 14.13 11.69 -1.06
N LYS A 212 14.62 10.66 -0.38
CA LYS A 212 14.23 9.27 -0.58
C LYS A 212 12.87 8.94 0.01
N ASN A 213 12.22 7.92 -0.54
CA ASN A 213 10.91 7.49 -0.11
C ASN A 213 11.05 6.37 0.91
N ARG A 214 10.43 6.51 2.08
CA ARG A 214 10.32 5.41 3.04
C ARG A 214 9.28 4.35 2.61
N PHE A 215 8.23 4.80 1.89
CA PHE A 215 7.19 3.94 1.34
C PHE A 215 6.64 4.53 0.02
N VAL A 216 6.08 3.65 -0.83
CA VAL A 216 5.31 4.07 -1.98
C VAL A 216 3.98 3.34 -2.03
N VAL A 217 3.00 3.94 -2.69
CA VAL A 217 1.73 3.26 -2.99
C VAL A 217 1.30 3.63 -4.40
N ARG B 1 -16.63 8.61 17.40
CA ARG B 1 -15.78 9.01 16.24
C ARG B 1 -16.70 9.51 15.12
N ILE B 2 -16.63 10.81 14.84
CA ILE B 2 -17.44 11.42 13.79
C ILE B 2 -16.80 11.26 12.40
N ILE B 3 -17.45 10.43 11.56
CA ILE B 3 -17.02 10.18 10.18
C ILE B 3 -18.07 10.68 9.20
N TYR B 4 -17.60 11.26 8.11
CA TYR B 4 -18.47 11.70 7.06
C TYR B 4 -17.96 11.20 5.72
N ASP B 5 -18.91 10.60 5.02
CA ASP B 5 -18.91 10.26 3.60
C ASP B 5 -18.60 11.45 2.73
N ARG B 6 -17.89 11.20 1.64
CA ARG B 6 -17.68 12.23 0.65
C ARG B 6 -19.01 12.78 0.13
N LYS B 7 -19.95 11.89 -0.16
CA LYS B 7 -21.23 12.29 -0.73
C LYS B 7 -22.03 13.13 0.22
N PHE B 8 -22.08 12.76 1.49
CA PHE B 8 -22.67 13.67 2.48
C PHE B 8 -21.99 15.04 2.54
N LEU B 9 -20.67 15.09 2.54
CA LEU B 9 -20.04 16.37 2.69
C LEU B 9 -20.31 17.23 1.45
N MET B 10 -20.23 16.63 0.27
CA MET B 10 -20.55 17.38 -0.96
C MET B 10 -21.98 17.92 -0.98
N GLU B 11 -22.93 17.17 -0.44
CA GLU B 11 -24.33 17.60 -0.45
C GLU B 11 -24.56 18.88 0.37
N CYS B 12 -23.73 19.09 1.40
CA CYS B 12 -23.72 20.31 2.23
C CYS B 12 -23.09 21.59 1.64
N ARG B 13 -22.46 21.57 0.46
CA ARG B 13 -21.68 22.74 0.00
C ARG B 13 -22.44 24.06 -0.23
N ASN B 14 -23.75 23.96 -0.48
CA ASN B 14 -24.61 25.16 -0.52
C ASN B 14 -25.68 25.13 0.57
N TYR C 34 12.14 -18.30 25.03
CA TYR C 34 11.84 -17.67 23.70
C TYR C 34 10.37 -17.98 23.33
N ILE C 35 9.62 -16.89 23.19
CA ILE C 35 8.21 -16.91 22.90
C ILE C 35 8.06 -16.92 21.40
N LYS C 36 7.06 -17.63 20.92
CA LYS C 36 6.80 -17.70 19.47
C LYS C 36 6.10 -16.42 19.02
N HIS C 37 6.34 -16.07 17.76
CA HIS C 37 5.79 -14.85 17.18
C HIS C 37 4.61 -15.21 16.29
N PRO C 38 3.43 -14.65 16.60
CA PRO C 38 2.17 -14.96 15.89
C PRO C 38 2.18 -14.31 14.52
N LEU C 39 1.56 -14.99 13.56
CA LEU C 39 1.39 -14.50 12.24
C LEU C 39 0.03 -13.88 12.19
N GLN C 40 -0.14 -13.01 11.21
CA GLN C 40 -1.41 -12.38 10.93
C GLN C 40 -2.40 -13.42 10.45
N ASN C 41 -1.92 -14.42 9.73
CA ASN C 41 -2.77 -15.48 9.19
C ASN C 41 -2.27 -16.86 9.54
N ARG C 42 -3.19 -17.81 9.46
CA ARG C 42 -2.87 -19.22 9.52
C ARG C 42 -2.67 -19.71 8.10
N TRP C 43 -1.60 -20.49 7.91
CA TRP C 43 -1.20 -20.97 6.58
C TRP C 43 -1.19 -22.47 6.53
N ALA C 44 -1.44 -23.02 5.34
CA ALA C 44 -1.33 -24.47 5.11
C ALA C 44 -0.34 -24.65 4.00
N LEU C 45 0.53 -25.63 4.16
CA LEU C 45 1.48 -26.03 3.11
C LEU C 45 1.00 -27.30 2.46
N TRP C 46 1.00 -27.28 1.13
CA TRP C 46 0.58 -28.44 0.39
C TRP C 46 1.76 -28.89 -0.46
N PHE C 47 1.70 -30.17 -0.81
CA PHE C 47 2.67 -30.83 -1.63
C PHE C 47 1.93 -31.60 -2.73
N PHE C 48 2.43 -31.47 -3.95
CA PHE C 48 1.90 -32.21 -5.08
C PHE C 48 3.00 -33.18 -5.48
N LYS C 49 2.73 -34.46 -5.33
CA LYS C 49 3.71 -35.46 -5.68
C LYS C 49 3.19 -36.01 -6.99
N ASN C 50 4.09 -36.09 -7.95
CA ASN C 50 3.74 -36.46 -9.27
C ASN C 50 3.49 -37.98 -9.42
N ASP C 51 2.34 -38.33 -9.99
CA ASP C 51 1.97 -39.72 -10.23
C ASP C 51 0.78 -39.72 -11.19
N LYS C 52 0.99 -40.25 -12.41
CA LYS C 52 -0.01 -40.19 -13.52
C LYS C 52 -1.28 -41.07 -13.36
N SER C 53 -1.24 -42.01 -12.40
CA SER C 53 -2.37 -42.93 -12.15
C SER C 53 -3.55 -42.25 -11.46
N LYS C 54 -3.28 -41.14 -10.76
CA LYS C 54 -4.37 -40.36 -10.18
C LYS C 54 -4.66 -39.04 -10.88
N THR C 55 -5.84 -38.50 -10.61
CA THR C 55 -6.23 -37.16 -11.03
C THR C 55 -5.32 -36.04 -10.41
N TRP C 56 -5.35 -34.84 -10.98
CA TRP C 56 -4.59 -33.73 -10.40
C TRP C 56 -5.00 -33.45 -8.93
N GLN C 57 -6.31 -33.38 -8.70
CA GLN C 57 -6.91 -33.27 -7.36
C GLN C 57 -6.35 -34.19 -6.33
N ALA C 58 -6.15 -35.45 -6.72
CA ALA C 58 -5.85 -36.51 -5.78
C ALA C 58 -4.36 -36.62 -5.54
N ASN C 59 -3.58 -35.86 -6.31
CA ASN C 59 -2.12 -35.80 -6.11
C ASN C 59 -1.66 -34.76 -5.07
N LEU C 60 -2.61 -34.00 -4.58
CA LEU C 60 -2.35 -32.84 -3.76
C LEU C 60 -2.64 -33.17 -2.30
N ARG C 61 -1.64 -33.03 -1.43
CA ARG C 61 -1.79 -33.34 0.00
C ARG C 61 -1.40 -32.16 0.87
N LEU C 62 -2.17 -31.95 1.93
CA LEU C 62 -1.89 -30.94 2.92
C LEU C 62 -0.83 -31.51 3.92
N ILE C 63 0.31 -30.81 4.02
CA ILE C 63 1.38 -31.27 4.87
C ILE C 63 1.06 -30.86 6.26
N SER C 64 0.93 -29.56 6.48
CA SER C 64 0.79 -29.04 7.82
C SER C 64 0.23 -27.62 7.86
N LYS C 65 -0.23 -27.18 9.03
CA LYS C 65 -0.68 -25.81 9.23
C LYS C 65 0.12 -25.13 10.31
N PHE C 66 0.25 -23.80 10.25
CA PHE C 66 0.99 -23.09 11.26
C PHE C 66 0.46 -21.68 11.30
N ASP C 67 0.59 -21.03 12.47
CA ASP C 67 0.30 -19.60 12.59
C ASP C 67 1.32 -18.85 13.46
N THR C 68 2.56 -19.38 13.52
CA THR C 68 3.69 -18.64 14.14
C THR C 68 4.87 -18.69 13.23
N VAL C 69 5.79 -17.72 13.39
CA VAL C 69 7.01 -17.71 12.61
C VAL C 69 7.86 -18.96 12.92
N GLU C 70 8.02 -19.27 14.21
CA GLU C 70 8.77 -20.47 14.59
C GLU C 70 8.22 -21.79 14.07
N ASP C 71 6.88 -21.94 14.03
CA ASP C 71 6.22 -23.09 13.43
C ASP C 71 6.35 -23.18 11.92
N PHE C 72 6.48 -22.03 11.29
CA PHE C 72 6.82 -22.04 9.86
C PHE C 72 8.22 -22.63 9.64
N TRP C 73 9.19 -22.18 10.42
CA TRP C 73 10.54 -22.68 10.34
C TRP C 73 10.65 -24.16 10.68
N ALA C 74 9.95 -24.58 11.72
CA ALA C 74 9.95 -25.98 12.14
C ALA C 74 9.50 -26.84 10.99
N LEU C 75 8.55 -26.34 10.18
CA LEU C 75 8.10 -27.10 9.02
C LEU C 75 9.08 -27.00 7.83
N TYR C 76 9.44 -25.78 7.40
CA TYR C 76 10.45 -25.56 6.37
C TYR C 76 11.76 -26.37 6.63
N ASN C 77 12.21 -26.40 7.89
CA ASN C 77 13.43 -27.15 8.30
C ASN C 77 13.35 -28.65 7.97
N HIS C 78 12.15 -29.20 7.95
CA HIS C 78 12.06 -30.63 7.87
C HIS C 78 11.76 -31.19 6.50
N ILE C 79 11.23 -30.35 5.61
CA ILE C 79 10.86 -30.76 4.28
C ILE C 79 11.98 -30.59 3.26
N GLN C 80 11.80 -31.29 2.15
CA GLN C 80 12.67 -31.25 1.04
C GLN C 80 12.73 -29.89 0.39
N LEU C 81 13.94 -29.44 0.10
CA LEU C 81 14.13 -28.26 -0.73
C LEU C 81 13.53 -28.46 -2.07
N SER C 82 12.94 -27.39 -2.59
CA SER C 82 12.31 -27.35 -3.89
C SER C 82 13.27 -27.77 -4.99
N SER C 83 14.55 -27.43 -4.80
CA SER C 83 15.57 -27.70 -5.78
C SER C 83 16.02 -29.14 -5.81
N ASN C 84 15.54 -29.96 -4.84
CA ASN C 84 15.84 -31.40 -4.87
C ASN C 84 14.68 -32.25 -5.39
N LEU C 85 13.52 -31.61 -5.57
CA LEU C 85 12.29 -32.29 -5.94
C LEU C 85 12.34 -32.76 -7.37
N MET C 86 11.74 -33.92 -7.62
CA MET C 86 11.61 -34.40 -8.98
C MET C 86 10.62 -33.55 -9.78
N PRO C 87 10.86 -33.41 -11.11
CA PRO C 87 10.01 -32.67 -12.03
C PRO C 87 8.59 -33.18 -11.93
N GLY C 88 7.62 -32.26 -11.85
CA GLY C 88 6.23 -32.61 -11.65
C GLY C 88 5.75 -32.39 -10.23
N CYS C 89 6.68 -32.14 -9.31
CA CYS C 89 6.33 -31.77 -7.92
C CYS C 89 6.06 -30.28 -7.73
N ASP C 90 5.18 -29.95 -6.77
CA ASP C 90 4.85 -28.57 -6.43
C ASP C 90 4.78 -28.43 -4.92
N TYR C 91 5.13 -27.25 -4.41
CA TYR C 91 4.69 -26.82 -3.08
C TYR C 91 3.74 -25.64 -3.26
N SER C 92 2.79 -25.52 -2.33
CA SER C 92 1.81 -24.42 -2.32
C SER C 92 1.63 -23.99 -0.88
N LEU C 93 1.76 -22.69 -0.62
CA LEU C 93 1.45 -22.21 0.69
C LEU C 93 0.23 -21.30 0.55
N PHE C 94 -0.90 -21.65 1.17
CA PHE C 94 -2.17 -20.93 0.98
C PHE C 94 -2.73 -20.61 2.32
N LYS C 95 -3.41 -19.48 2.46
CA LYS C 95 -4.07 -19.18 3.74
C LYS C 95 -5.00 -20.32 4.13
N ASP C 96 -5.09 -20.59 5.42
CA ASP C 96 -5.96 -21.62 5.95
C ASP C 96 -7.37 -21.43 5.40
N GLY C 97 -7.97 -22.50 4.90
CA GLY C 97 -9.28 -22.44 4.33
C GLY C 97 -9.31 -22.23 2.83
N ILE C 98 -8.18 -21.92 2.21
CA ILE C 98 -8.10 -21.81 0.74
C ILE C 98 -7.33 -22.99 0.16
N GLU C 99 -7.94 -23.64 -0.80
CA GLU C 99 -7.30 -24.76 -1.44
C GLU C 99 -6.47 -24.26 -2.60
N PRO C 100 -5.30 -24.87 -2.83
CA PRO C 100 -4.36 -24.43 -3.88
C PRO C 100 -4.82 -24.71 -5.30
N MET C 101 -6.03 -24.30 -5.62
CA MET C 101 -6.61 -24.57 -6.94
C MET C 101 -7.50 -23.44 -7.41
N TRP C 102 -7.58 -23.30 -8.73
CA TRP C 102 -8.36 -22.26 -9.45
C TRP C 102 -9.80 -22.20 -9.01
N GLU C 103 -10.43 -23.36 -8.89
CA GLU C 103 -11.86 -23.51 -8.62
C GLU C 103 -12.32 -23.00 -7.25
N ASP C 104 -11.40 -22.79 -6.31
CA ASP C 104 -11.74 -22.36 -4.94
C ASP C 104 -12.40 -20.99 -4.94
N GLU C 105 -13.41 -20.80 -4.10
CA GLU C 105 -14.15 -19.54 -4.04
C GLU C 105 -13.21 -18.33 -4.05
N LYS C 106 -12.14 -18.39 -3.26
CA LYS C 106 -11.19 -17.32 -3.14
C LYS C 106 -10.25 -17.12 -4.33
N ASN C 107 -10.14 -18.13 -5.20
CA ASN C 107 -9.23 -18.10 -6.35
C ASN C 107 -9.85 -17.86 -7.71
N LYS C 108 -11.06 -18.40 -7.89
CA LYS C 108 -11.76 -18.41 -9.19
C LYS C 108 -11.80 -17.06 -9.92
N ARG C 109 -12.02 -15.97 -9.18
CA ARG C 109 -12.03 -14.63 -9.79
C ARG C 109 -10.64 -13.99 -9.88
N GLY C 110 -9.60 -14.70 -9.43
CA GLY C 110 -8.26 -14.15 -9.31
C GLY C 110 -7.28 -14.56 -10.37
N GLY C 111 -6.00 -14.53 -10.04
CA GLY C 111 -4.96 -14.82 -10.97
C GLY C 111 -3.64 -14.85 -10.26
N ARG C 112 -2.57 -14.85 -11.02
CA ARG C 112 -1.27 -15.10 -10.45
C ARG C 112 -0.21 -14.17 -11.07
N TRP C 113 0.76 -13.77 -10.27
CA TRP C 113 2.05 -13.22 -10.75
C TRP C 113 3.07 -14.36 -10.96
N LEU C 114 3.53 -14.55 -12.18
CA LEU C 114 4.34 -15.69 -12.52
C LEU C 114 5.77 -15.28 -12.82
N ILE C 115 6.71 -15.95 -12.18
CA ILE C 115 8.10 -15.89 -12.63
C ILE C 115 8.52 -17.33 -12.99
N THR C 116 9.28 -17.47 -14.07
CA THR C 116 9.90 -18.71 -14.46
C THR C 116 11.40 -18.62 -14.31
N LEU C 117 11.99 -19.71 -13.82
CA LEU C 117 13.41 -19.81 -13.58
C LEU C 117 14.06 -20.82 -14.52
N ASN C 118 15.25 -20.47 -14.98
CA ASN C 118 16.14 -21.47 -15.57
C ASN C 118 16.52 -22.58 -14.59
N LYS C 119 16.73 -23.80 -15.10
CA LYS C 119 17.42 -24.80 -14.30
C LYS C 119 18.89 -24.33 -14.14
N GLN C 120 19.50 -24.64 -13.01
CA GLN C 120 20.84 -24.16 -12.69
C GLN C 120 21.79 -25.28 -12.34
N GLN C 121 23.03 -25.14 -12.80
CA GLN C 121 24.05 -26.15 -12.52
C GLN C 121 24.69 -25.92 -11.16
N ARG C 122 25.43 -24.82 -11.02
CA ARG C 122 26.22 -24.54 -9.82
C ARG C 122 25.50 -23.73 -8.75
N ARG C 123 24.30 -23.23 -9.04
CA ARG C 123 23.57 -22.40 -8.07
C ARG C 123 22.20 -22.99 -7.79
N SER C 124 21.61 -22.58 -6.65
CA SER C 124 20.30 -23.08 -6.21
C SER C 124 19.33 -21.95 -5.84
N ASP C 125 19.23 -20.95 -6.73
CA ASP C 125 18.39 -19.75 -6.53
C ASP C 125 16.90 -20.02 -6.40
N LEU C 126 16.45 -21.17 -6.87
CA LEU C 126 15.08 -21.62 -6.70
C LEU C 126 14.68 -21.57 -5.22
N ASP C 127 15.51 -22.15 -4.38
CA ASP C 127 15.28 -22.23 -2.96
C ASP C 127 15.25 -20.82 -2.37
N ARG C 128 16.14 -19.99 -2.87
CA ARG C 128 16.25 -18.63 -2.41
C ARG C 128 14.99 -17.82 -2.76
N PHE C 129 14.52 -17.92 -4.00
CA PHE C 129 13.34 -17.19 -4.43
C PHE C 129 12.08 -17.71 -3.79
N TRP C 130 11.97 -19.05 -3.67
CA TRP C 130 10.83 -19.65 -2.97
C TRP C 130 10.73 -19.22 -1.49
N LEU C 131 11.86 -19.28 -0.77
CA LEU C 131 11.88 -18.87 0.62
C LEU C 131 11.49 -17.38 0.77
N GLU C 132 12.05 -16.54 -0.09
CA GLU C 132 11.71 -15.14 -0.16
C GLU C 132 10.20 -14.92 -0.41
N THR C 133 9.64 -15.63 -1.39
CA THR C 133 8.21 -15.65 -1.62
C THR C 133 7.44 -16.00 -0.32
N LEU C 134 7.86 -17.06 0.37
CA LEU C 134 7.15 -17.53 1.57
C LEU C 134 7.20 -16.49 2.65
N LEU C 135 8.35 -15.87 2.80
CA LEU C 135 8.54 -14.79 3.78
C LEU C 135 7.69 -13.53 3.50
N CYS C 136 7.43 -13.24 2.22
CA CYS C 136 6.51 -12.16 1.78
C CYS C 136 5.08 -12.42 2.24
N LEU C 137 4.62 -13.65 2.08
CA LEU C 137 3.29 -14.06 2.49
C LEU C 137 3.20 -14.04 3.99
N ILE C 138 4.01 -14.84 4.67
CA ILE C 138 3.81 -15.00 6.11
C ILE C 138 4.04 -13.67 6.82
N GLY C 139 4.93 -12.82 6.28
CA GLY C 139 5.33 -11.60 6.95
C GLY C 139 4.46 -10.44 6.53
N GLU C 140 3.48 -10.71 5.66
CA GLU C 140 2.45 -9.73 5.25
C GLU C 140 3.06 -8.44 4.58
N SER C 141 3.90 -8.64 3.58
CA SER C 141 4.75 -7.62 3.00
C SER C 141 4.05 -6.66 2.03
N PHE C 142 2.79 -6.92 1.71
CA PHE C 142 2.04 -6.13 0.78
C PHE C 142 1.08 -5.11 1.46
N ASP C 143 1.33 -4.86 2.75
CA ASP C 143 0.51 -3.97 3.57
C ASP C 143 -1.00 -4.32 3.54
N ASP C 144 -1.88 -3.34 3.34
CA ASP C 144 -3.33 -3.62 3.28
C ASP C 144 -3.64 -4.69 2.22
N TYR C 145 -2.83 -4.68 1.16
CA TYR C 145 -3.04 -5.53 -0.01
C TYR C 145 -2.69 -7.01 0.17
N SER C 146 -2.00 -7.33 1.27
CA SER C 146 -1.79 -8.70 1.77
C SER C 146 -3.08 -9.50 1.91
N ASP C 147 -4.19 -8.84 2.26
CA ASP C 147 -5.54 -9.42 2.19
C ASP C 147 -5.95 -10.00 0.82
N ASP C 148 -5.47 -9.41 -0.27
CA ASP C 148 -5.70 -9.97 -1.62
C ASP C 148 -4.86 -11.23 -1.97
N VAL C 149 -3.81 -11.50 -1.22
CA VAL C 149 -3.04 -12.73 -1.40
C VAL C 149 -3.81 -13.97 -0.91
N CYS C 150 -3.89 -14.98 -1.76
CA CYS C 150 -4.39 -16.29 -1.40
C CYS C 150 -3.26 -17.24 -0.93
N GLY C 151 -2.14 -17.18 -1.64
CA GLY C 151 -1.06 -18.07 -1.47
C GLY C 151 -0.04 -17.95 -2.57
N ALA C 152 0.92 -18.87 -2.55
CA ALA C 152 1.98 -18.97 -3.53
C ALA C 152 2.23 -20.46 -3.92
N VAL C 153 2.65 -20.66 -5.17
CA VAL C 153 2.89 -22.02 -5.68
C VAL C 153 4.28 -22.05 -6.31
N VAL C 154 5.04 -23.10 -6.05
CA VAL C 154 6.27 -23.37 -6.81
C VAL C 154 6.11 -24.68 -7.55
N ASN C 155 6.34 -24.67 -8.85
CA ASN C 155 6.27 -25.87 -9.69
C ASN C 155 7.66 -26.22 -10.14
N VAL C 156 8.12 -27.42 -9.81
CA VAL C 156 9.37 -27.85 -10.38
C VAL C 156 9.19 -28.74 -11.60
N ARG C 157 9.87 -28.39 -12.69
CA ARG C 157 9.65 -29.04 -13.96
C ARG C 157 11.00 -29.31 -14.62
N ALA C 158 11.06 -30.18 -15.61
CA ALA C 158 12.33 -30.47 -16.27
C ALA C 158 12.87 -29.25 -17.05
N LYS C 159 11.95 -28.54 -17.71
CA LYS C 159 12.32 -27.43 -18.58
C LYS C 159 12.63 -26.16 -17.81
N GLY C 160 12.15 -26.05 -16.58
CA GLY C 160 12.43 -24.90 -15.72
C GLY C 160 11.51 -24.86 -14.52
N ASP C 161 11.74 -23.96 -13.59
CA ASP C 161 10.89 -23.87 -12.40
C ASP C 161 10.02 -22.63 -12.43
N LYS C 162 8.91 -22.72 -11.74
CA LYS C 162 7.97 -21.60 -11.70
C LYS C 162 7.59 -21.30 -10.27
N ILE C 163 7.55 -19.99 -10.00
CA ILE C 163 7.05 -19.44 -8.77
C ILE C 163 5.93 -18.44 -9.13
N ALA C 164 4.84 -18.49 -8.35
CA ALA C 164 3.68 -17.62 -8.57
C ALA C 164 3.09 -17.21 -7.26
N ILE C 165 2.62 -15.97 -7.23
CA ILE C 165 1.81 -15.47 -6.14
C ILE C 165 0.37 -15.34 -6.64
N TRP C 166 -0.51 -16.10 -6.01
CA TRP C 166 -1.94 -16.17 -6.29
C TRP C 166 -2.70 -15.10 -5.49
N THR C 167 -3.46 -14.26 -6.21
CA THR C 167 -4.30 -13.19 -5.63
C THR C 167 -5.78 -13.44 -5.93
N THR C 168 -6.63 -12.80 -5.14
CA THR C 168 -8.02 -13.20 -5.07
C THR C 168 -8.96 -12.62 -6.14
N GLU C 169 -8.60 -11.47 -6.73
CA GLU C 169 -9.50 -10.74 -7.66
C GLU C 169 -8.67 -10.03 -8.70
N CYS C 170 -8.71 -10.51 -9.95
CA CYS C 170 -7.90 -9.92 -10.99
C CYS C 170 -8.39 -8.53 -11.44
N GLU C 171 -9.62 -8.17 -11.02
CA GLU C 171 -10.20 -6.82 -11.20
C GLU C 171 -9.67 -5.77 -10.22
N ASN C 172 -9.02 -6.21 -9.15
CA ASN C 172 -8.44 -5.29 -8.16
C ASN C 172 -7.08 -4.86 -8.68
N ARG C 173 -7.13 -3.94 -9.64
CA ARG C 173 -5.96 -3.40 -10.36
C ARG C 173 -4.94 -2.74 -9.45
N GLU C 174 -5.38 -2.02 -8.43
CA GLU C 174 -4.41 -1.38 -7.56
C GLU C 174 -3.70 -2.41 -6.67
N ALA C 175 -4.48 -3.29 -6.04
CA ALA C 175 -3.95 -4.40 -5.27
C ALA C 175 -3.00 -5.30 -6.06
N VAL C 176 -3.42 -5.73 -7.25
CA VAL C 176 -2.63 -6.65 -8.03
C VAL C 176 -1.33 -5.99 -8.36
N THR C 177 -1.38 -4.71 -8.77
CA THR C 177 -0.19 -3.97 -9.16
C THR C 177 0.78 -3.74 -8.00
N HIS C 178 0.25 -3.37 -6.84
CA HIS C 178 1.06 -3.18 -5.65
C HIS C 178 1.83 -4.48 -5.30
N ILE C 179 1.11 -5.60 -5.24
CA ILE C 179 1.71 -6.89 -4.89
C ILE C 179 2.85 -7.21 -5.86
N GLY C 180 2.58 -7.10 -7.16
CA GLY C 180 3.57 -7.36 -8.19
C GLY C 180 4.81 -6.49 -8.10
N ARG C 181 4.61 -5.20 -7.85
CA ARG C 181 5.74 -4.29 -7.69
C ARG C 181 6.58 -4.61 -6.48
N VAL C 182 5.93 -4.96 -5.38
CA VAL C 182 6.61 -5.30 -4.13
C VAL C 182 7.39 -6.61 -4.26
N TYR C 183 6.72 -7.62 -4.79
CA TYR C 183 7.31 -8.93 -5.02
C TYR C 183 8.59 -8.78 -5.82
N LYS C 184 8.47 -8.07 -6.92
CA LYS C 184 9.59 -7.84 -7.81
C LYS C 184 10.81 -7.26 -7.06
N GLU C 185 10.55 -6.24 -6.25
CA GLU C 185 11.56 -5.58 -5.47
C GLU C 185 12.08 -6.47 -4.34
N ARG C 186 11.17 -7.12 -3.62
CA ARG C 186 11.57 -8.14 -2.64
C ARG C 186 12.51 -9.22 -3.21
N LEU C 187 12.29 -9.63 -4.45
CA LEU C 187 13.15 -10.66 -5.06
C LEU C 187 14.45 -10.11 -5.61
N GLY C 188 14.55 -8.79 -5.70
CA GLY C 188 15.75 -8.13 -6.17
C GLY C 188 15.90 -8.13 -7.67
N LEU C 189 14.80 -8.25 -8.40
CA LEU C 189 14.84 -8.36 -9.88
C LEU C 189 15.28 -7.07 -10.63
N PRO C 190 16.00 -7.24 -11.77
CA PRO C 190 16.30 -6.14 -12.68
C PRO C 190 15.07 -5.30 -12.94
N PRO C 191 15.13 -4.00 -12.61
CA PRO C 191 14.05 -3.04 -12.91
C PRO C 191 13.31 -3.30 -14.24
N LYS C 192 14.05 -3.71 -15.26
CA LYS C 192 13.50 -3.85 -16.59
C LYS C 192 12.85 -5.21 -16.95
N ILE C 193 12.84 -6.18 -16.02
CA ILE C 193 12.50 -7.56 -16.42
C ILE C 193 11.10 -7.90 -16.98
N VAL C 194 10.05 -7.16 -16.63
CA VAL C 194 8.71 -7.53 -17.11
C VAL C 194 8.32 -8.91 -16.53
N ILE C 195 7.52 -8.87 -15.46
CA ILE C 195 6.82 -10.05 -14.98
C ILE C 195 5.34 -9.80 -15.24
N GLY C 196 4.60 -10.87 -15.51
CA GLY C 196 3.22 -10.71 -15.92
C GLY C 196 2.22 -11.39 -15.00
N TYR C 197 1.00 -10.89 -15.03
CA TYR C 197 -0.04 -11.42 -14.21
C TYR C 197 -1.13 -11.89 -15.15
N GLN C 198 -1.67 -13.07 -14.86
CA GLN C 198 -2.68 -13.68 -15.69
C GLN C 198 -3.82 -14.16 -14.79
N SER C 199 -5.05 -13.92 -15.20
CA SER C 199 -6.18 -14.48 -14.50
C SER C 199 -6.19 -16.01 -14.67
N HIS C 200 -6.74 -16.71 -13.68
CA HIS C 200 -6.86 -18.15 -13.73
C HIS C 200 -7.81 -18.59 -14.82
N ALA C 201 -8.82 -17.80 -15.11
CA ALA C 201 -9.60 -18.02 -16.31
C ALA C 201 -8.76 -17.66 -17.57
N ASP C 202 -7.51 -18.12 -17.60
CA ASP C 202 -6.66 -18.10 -18.81
C ASP C 202 -7.12 -19.27 -19.68
N THR C 203 -7.40 -20.38 -18.98
CA THR C 203 -8.02 -21.63 -19.45
C THR C 203 -7.67 -22.72 -18.42
N SER C 209 0.34 -16.86 -28.97
CA SER C 209 -1.08 -16.69 -29.28
C SER C 209 -1.45 -15.30 -28.87
N THR C 210 -0.49 -14.68 -28.17
CA THR C 210 -0.56 -13.38 -27.46
C THR C 210 -0.51 -13.59 -25.95
N THR C 211 0.44 -12.91 -25.30
CA THR C 211 0.81 -13.15 -23.90
C THR C 211 -0.38 -13.32 -22.92
N LYS C 212 -1.34 -12.39 -23.00
CA LYS C 212 -2.52 -12.34 -22.09
C LYS C 212 -2.13 -11.98 -20.65
N ASN C 213 -1.10 -11.15 -20.53
CA ASN C 213 -0.74 -10.49 -19.29
C ASN C 213 -1.73 -9.35 -19.07
N ARG C 214 -2.65 -9.55 -18.12
CA ARG C 214 -3.57 -8.50 -17.68
C ARG C 214 -2.84 -7.25 -17.18
N PHE C 215 -1.79 -7.46 -16.38
CA PHE C 215 -0.91 -6.41 -15.89
C PHE C 215 0.51 -6.84 -16.15
N VAL C 216 1.42 -5.89 -16.02
CA VAL C 216 2.85 -6.13 -16.01
C VAL C 216 3.49 -5.16 -15.03
N VAL C 217 4.61 -5.59 -14.44
CA VAL C 217 5.43 -4.74 -13.60
C VAL C 217 6.90 -4.98 -13.96
N ARG D 1 -2.48 -4.85 12.03
CA ARG D 1 -1.86 -5.94 11.21
C ARG D 1 -0.53 -6.34 11.81
N ILE D 2 -0.22 -7.63 11.71
CA ILE D 2 1.06 -8.16 12.17
C ILE D 2 2.00 -8.33 11.00
N ILE D 3 3.10 -7.61 11.02
CA ILE D 3 3.98 -7.51 9.88
C ILE D 3 5.41 -7.83 10.29
N TYR D 4 6.09 -8.70 9.55
CA TYR D 4 7.50 -8.94 9.83
C TYR D 4 8.38 -8.66 8.64
N ASP D 5 9.53 -7.99 8.85
CA ASP D 5 10.63 -7.85 7.87
C ASP D 5 11.32 -9.17 7.61
N ARG D 6 12.01 -9.30 6.48
CA ARG D 6 12.78 -10.48 6.11
C ARG D 6 13.82 -10.81 7.19
N LYS D 7 14.51 -9.76 7.66
CA LYS D 7 15.59 -9.92 8.63
C LYS D 7 15.08 -10.51 9.95
N PHE D 8 14.02 -9.95 10.51
CA PHE D 8 13.35 -10.50 11.66
C PHE D 8 12.90 -11.98 11.48
N LEU D 9 12.24 -12.28 10.35
CA LEU D 9 11.87 -13.66 10.02
C LEU D 9 13.08 -14.60 9.97
N MET D 10 14.12 -14.19 9.24
CA MET D 10 15.36 -14.95 9.27
C MET D 10 15.87 -15.18 10.69
N GLU D 11 15.91 -14.15 11.54
CA GLU D 11 16.40 -14.30 12.93
C GLU D 11 15.56 -15.26 13.81
N CYS D 12 14.25 -15.38 13.56
CA CYS D 12 13.43 -16.35 14.31
C CYS D 12 13.77 -17.82 14.00
N ARG D 13 14.42 -18.08 12.85
CA ARG D 13 14.87 -19.42 12.55
C ARG D 13 15.81 -19.96 13.64
N ASN D 14 16.78 -19.13 14.05
CA ASN D 14 17.73 -19.46 15.11
C ASN D 14 17.06 -19.61 16.49
OAJ MGO E . 12.48 22.77 -1.22
PBE MGO E . 11.75 22.80 -2.71
OAD MGO E . 10.92 21.42 -2.80
OAI MGO E . 12.71 22.95 -3.86
OAS MGO E . 10.84 24.11 -2.62
PBG MGO E . 9.27 24.09 -2.61
OAL MGO E . 9.05 25.72 -2.46
OAF MGO E . 8.67 23.52 -3.82
OAT MGO E . 8.73 23.33 -1.34
PBF MGO E . 8.57 23.98 0.11
OAK MGO E . 7.93 22.76 0.96
OAE MGO E . 7.70 25.14 0.15
O5' MGO E . 10.02 24.33 0.68
C5' MGO E . 10.83 25.47 0.33
C4' MGO E . 11.69 25.87 1.53
O4' MGO E . 10.67 26.33 2.42
C3' MGO E . 12.28 24.74 2.35
O3' MGO E . 13.57 24.40 1.89
C2' MGO E . 12.40 25.42 3.72
O2' MGO E . 13.47 26.38 3.73
C1' MGO E . 11.08 26.16 3.78
NBC MGO E . 10.11 25.28 4.49
CAN MGO E . 9.13 24.50 3.99
NBD MGO E . 8.55 23.87 5.01
CAA MGO E . 7.44 22.92 4.86
CAX MGO E . 9.10 24.26 6.17
CAW MGO E . 10.11 25.15 5.82
CAM MGO E . 10.91 25.77 6.78
CAU MGO E . 10.71 25.49 8.11
NAB MGO E . 11.48 26.10 9.02
NAP MGO E . 9.72 24.58 8.48
CAV MGO E . 8.89 23.96 7.52
OAC MGO E . 8.01 23.18 7.90
OAJ MGO F . 2.42 -24.78 -18.00
PBE MGO F . 1.92 -26.23 -18.60
OAD MGO F . 3.15 -26.63 -19.62
OAI MGO F . 0.55 -26.13 -19.23
OAS MGO F . 1.92 -27.33 -17.37
PBG MGO F . 2.71 -27.12 -15.98
OAL MGO F . 2.70 -28.62 -15.41
OAF MGO F . 4.06 -26.52 -16.14
OAT MGO F . 1.83 -26.19 -15.08
PBF MGO F . 0.63 -26.70 -14.18
OAK MGO F . 0.18 -25.30 -13.46
OAE MGO F . 1.06 -27.74 -13.22
O5' MGO F . -0.56 -27.19 -15.15
C5' MGO F . -0.62 -28.51 -15.68
C4' MGO F . -1.99 -29.15 -15.58
O4' MGO F . -2.20 -29.43 -14.18
C3' MGO F . -3.13 -28.20 -15.92
O3' MGO F . -3.37 -28.18 -17.30
C2' MGO F . -4.28 -28.89 -15.21
O2' MGO F . -4.53 -30.15 -15.79
C1' MGO F . -3.63 -29.16 -13.86
NBC MGO F . -3.83 -28.02 -12.89
CAN MGO F . -2.92 -27.10 -12.48
NBD MGO F . -3.52 -26.28 -11.58
CAA MGO F . -2.86 -25.15 -10.91
CAX MGO F . -4.82 -26.66 -11.43
CAW MGO F . -5.00 -27.76 -12.27
CAM MGO F . -6.23 -28.40 -12.37
CAU MGO F . -7.29 -27.94 -11.62
NAB MGO F . -8.46 -28.55 -11.72
NAP MGO F . -7.14 -26.82 -10.77
CAV MGO F . -5.90 -26.16 -10.68
OAC MGO F . -5.81 -25.20 -9.93
#